data_7DMY
#
_entry.id   7DMY
#
_cell.length_a   75.011
_cell.length_b   44.931
_cell.length_c   40.838
_cell.angle_alpha   90.000
_cell.angle_beta   95.350
_cell.angle_gamma   90.000
#
_symmetry.space_group_name_H-M   'C 1 2 1'
#
loop_
_entity.id
_entity.type
_entity.pdbx_description
1 polymer 'Nucleosome-remodeling factor subunit BPTF'
2 non-polymer 'tert-butyl 3-methyl-2-[[(3R,5R)-1-methyl-5-phenyl-piperidin-3-yl]amino]-4-oxidanylidene-5,7-dihydropyrrolo[3,4-d]pyrimidine-6-carboxylate'
3 water water
#
_entity_poly.entity_id   1
_entity_poly.type   'polypeptide(L)'
_entity_poly.pdbx_seq_one_letter_code
;MHHHHHHSSGVDLGTENLYFQSMSTEDAMTVLTPLTEKDYEGLKRVLRSLQAHKMAWPFLEPVDPNDAPDYYGVIKEPMD
LATMEERVQRRYYEKLTEFVADMTKIFDNCRYYNPSDSPFYQCAEVLESFFVQKLKGFKASRSH
;
_entity_poly.pdbx_strand_id   A
#
# COMPACT_ATOMS: atom_id res chain seq x y z
N GLU A 26 -10.23 -12.65 -11.39
CA GLU A 26 -10.77 -13.32 -10.23
C GLU A 26 -9.62 -13.59 -9.23
N ASP A 27 -9.85 -14.51 -8.28
CA ASP A 27 -8.76 -15.04 -7.47
C ASP A 27 -7.76 -15.76 -8.35
N ALA A 28 -8.27 -16.46 -9.37
CA ALA A 28 -7.42 -17.12 -10.36
C ALA A 28 -6.51 -16.14 -11.06
N MET A 29 -7.01 -14.97 -11.41
CA MET A 29 -6.15 -14.00 -12.07
C MET A 29 -5.16 -13.38 -11.09
N THR A 30 -5.62 -13.06 -9.88
CA THR A 30 -4.80 -12.34 -8.90
C THR A 30 -3.45 -13.01 -8.71
N VAL A 31 -3.46 -14.34 -8.73
CA VAL A 31 -2.28 -15.15 -8.43
C VAL A 31 -1.46 -15.45 -9.67
N LEU A 32 -2.14 -15.93 -10.73
CA LEU A 32 -1.53 -16.40 -11.99
C LEU A 32 -1.22 -15.33 -13.02
N THR A 33 -1.98 -14.27 -13.09
CA THR A 33 -1.85 -13.41 -14.23
C THR A 33 -0.77 -12.37 -13.97
N PRO A 34 0.31 -12.36 -14.75
CA PRO A 34 1.33 -11.33 -14.59
C PRO A 34 0.71 -9.95 -14.81
N LEU A 35 1.26 -8.95 -14.13
CA LEU A 35 0.77 -7.59 -14.25
C LEU A 35 1.04 -7.08 -15.67
N THR A 36 -0.04 -6.77 -16.39
CA THR A 36 0.07 -6.27 -17.76
C THR A 36 0.22 -4.76 -17.74
N GLU A 37 0.95 -4.24 -18.72
CA GLU A 37 1.28 -2.82 -18.73
C GLU A 37 0.02 -1.99 -18.51
N LYS A 38 -1.16 -2.53 -18.86
CA LYS A 38 -2.40 -1.86 -18.50
C LYS A 38 -2.64 -1.96 -17.00
N ASP A 39 -2.49 -3.15 -16.43
CA ASP A 39 -2.66 -3.31 -15.01
C ASP A 39 -1.76 -2.35 -14.24
N TYR A 40 -0.55 -2.12 -14.75
CA TYR A 40 0.38 -1.19 -14.12
C TYR A 40 -0.11 0.25 -14.23
N GLU A 41 -0.82 0.58 -15.31
CA GLU A 41 -1.53 1.86 -15.34
C GLU A 41 -2.59 1.88 -14.26
N GLY A 42 -3.33 0.79 -14.10
CA GLY A 42 -4.37 0.78 -13.10
C GLY A 42 -3.84 0.85 -11.68
N LEU A 43 -2.66 0.27 -11.42
CA LEU A 43 -2.16 0.31 -10.05
C LEU A 43 -1.63 1.70 -9.69
N LYS A 44 -1.11 2.45 -10.68
CA LYS A 44 -0.71 3.84 -10.40
C LYS A 44 -1.91 4.67 -10.01
N ARG A 45 -3.10 4.30 -10.51
CA ARG A 45 -4.31 5.07 -10.23
C ARG A 45 -4.95 4.69 -8.90
N VAL A 46 -4.83 3.43 -8.49
CA VAL A 46 -5.17 3.04 -7.14
C VAL A 46 -4.31 3.81 -6.15
N LEU A 47 -3.01 3.87 -6.43
CA LEU A 47 -2.00 4.47 -5.58
C LEU A 47 -2.14 5.96 -5.46
N ARG A 48 -2.62 6.60 -6.53
CA ARG A 48 -2.81 8.03 -6.53
C ARG A 48 -4.04 8.38 -5.74
N SER A 49 -5.07 7.54 -5.84
CA SER A 49 -6.28 7.79 -5.08
C SER A 49 -6.02 7.64 -3.60
N LEU A 50 -4.99 6.85 -3.24
CA LEU A 50 -4.63 6.62 -1.84
C LEU A 50 -3.79 7.75 -1.31
N GLN A 51 -2.87 8.23 -2.13
CA GLN A 51 -2.13 9.44 -1.83
C GLN A 51 -3.04 10.65 -1.78
N ALA A 52 -4.21 10.58 -2.38
CA ALA A 52 -5.13 11.69 -2.34
C ALA A 52 -6.11 11.64 -1.17
N HIS A 53 -6.12 10.57 -0.39
CA HIS A 53 -7.10 10.47 0.69
C HIS A 53 -6.71 11.41 1.83
N LYS A 54 -7.72 11.98 2.50
CA LYS A 54 -7.48 12.88 3.63
C LYS A 54 -6.53 12.26 4.64
N MET A 55 -6.69 10.96 4.90
CA MET A 55 -5.97 10.26 5.95
C MET A 55 -4.74 9.50 5.46
N ALA A 56 -4.23 9.81 4.26
CA ALA A 56 -3.02 9.15 3.81
C ALA A 56 -1.76 9.86 4.26
N TRP A 57 -1.87 11.02 4.91
CA TRP A 57 -0.68 11.83 5.16
C TRP A 57 0.41 11.15 5.98
N PRO A 58 0.13 10.33 6.98
CA PRO A 58 1.24 9.64 7.69
C PRO A 58 2.04 8.70 6.83
N PHE A 59 1.49 8.29 5.68
CA PHE A 59 2.07 7.20 4.88
C PHE A 59 2.63 7.62 3.53
N LEU A 60 2.60 8.90 3.18
CA LEU A 60 3.04 9.34 1.85
C LEU A 60 4.53 9.06 1.65
N GLU A 61 5.32 9.15 2.69
CA GLU A 61 6.76 9.03 2.60
C GLU A 61 7.23 8.13 3.73
N PRO A 62 8.41 7.55 3.60
CA PRO A 62 8.87 6.63 4.63
C PRO A 62 9.16 7.32 5.94
N VAL A 63 9.24 6.50 6.99
CA VAL A 63 9.45 7.03 8.33
C VAL A 63 10.87 7.59 8.38
N ASP A 64 10.97 8.92 8.50
CA ASP A 64 12.20 9.65 8.71
C ASP A 64 12.98 8.98 9.84
N PRO A 65 14.09 8.29 9.57
CA PRO A 65 14.89 7.74 10.68
C PRO A 65 15.48 8.81 11.58
N ASN A 66 15.66 10.04 11.09
CA ASN A 66 15.96 11.14 11.98
C ASN A 66 14.93 11.25 13.10
N ASP A 67 13.66 11.27 12.74
CA ASP A 67 12.60 11.63 13.67
C ASP A 67 12.02 10.44 14.42
N ALA A 68 12.30 9.21 14.00
CA ALA A 68 11.89 8.03 14.77
C ALA A 68 12.99 6.99 14.65
N PRO A 69 14.13 7.23 15.34
CA PRO A 69 15.30 6.36 15.12
C PRO A 69 15.05 4.89 15.45
N ASP A 70 14.33 4.59 16.53
CA ASP A 70 14.15 3.20 16.94
C ASP A 70 13.15 2.42 16.07
N TYR A 71 12.39 3.08 15.17
CA TYR A 71 11.34 2.41 14.38
C TYR A 71 11.94 1.33 13.52
N TYR A 72 13.03 1.64 12.81
CA TYR A 72 13.69 0.69 11.93
C TYR A 72 14.47 -0.37 12.70
N GLY A 73 14.38 -0.38 14.02
CA GLY A 73 14.96 -1.46 14.81
C GLY A 73 13.91 -2.36 15.42
N VAL A 74 12.65 -2.07 15.09
CA VAL A 74 11.51 -2.91 15.43
C VAL A 74 10.76 -3.37 14.18
N ILE A 75 10.57 -2.49 13.21
CA ILE A 75 9.85 -2.83 11.99
C ILE A 75 10.82 -3.48 11.03
N LYS A 76 10.56 -4.76 10.70
CA LYS A 76 11.41 -5.58 9.86
C LYS A 76 11.25 -5.22 8.39
N GLU A 77 10.02 -4.98 7.96
CA GLU A 77 9.69 -4.78 6.55
C GLU A 77 9.01 -3.43 6.35
N PRO A 78 9.71 -2.33 6.54
CA PRO A 78 9.03 -1.04 6.46
C PRO A 78 8.46 -0.81 5.08
N MET A 79 7.42 0.00 5.00
CA MET A 79 6.89 0.32 3.70
C MET A 79 6.10 1.61 3.74
N ASP A 80 6.03 2.28 2.59
CA ASP A 80 5.30 3.53 2.44
C ASP A 80 4.85 3.73 0.99
N LEU A 81 3.96 4.71 0.80
CA LEU A 81 3.31 4.91 -0.49
C LEU A 81 4.29 5.35 -1.58
N ALA A 82 5.26 6.21 -1.26
CA ALA A 82 6.26 6.62 -2.26
C ALA A 82 7.19 5.47 -2.63
N THR A 83 7.57 4.63 -1.66
CA THR A 83 8.30 3.42 -2.03
C THR A 83 7.45 2.54 -2.93
N MET A 84 6.16 2.48 -2.70
CA MET A 84 5.34 1.64 -3.56
C MET A 84 5.22 2.21 -4.98
N GLU A 85 5.05 3.54 -5.09
CA GLU A 85 5.00 4.19 -6.41
C GLU A 85 6.29 3.93 -7.20
N GLU A 86 7.44 3.93 -6.51
CA GLU A 86 8.72 3.62 -7.14
C GLU A 86 8.80 2.17 -7.60
N ARG A 87 8.32 1.24 -6.79
CA ARG A 87 8.33 -0.16 -7.21
C ARG A 87 7.41 -0.37 -8.40
N VAL A 88 6.35 0.45 -8.51
CA VAL A 88 5.47 0.39 -9.67
C VAL A 88 6.19 0.94 -10.90
N GLN A 89 6.80 2.12 -10.75
CA GLN A 89 7.52 2.73 -11.86
C GLN A 89 8.60 1.80 -12.41
N ARG A 90 9.34 1.13 -11.53
CA ARG A 90 10.34 0.15 -11.90
C ARG A 90 9.75 -1.21 -12.26
N ARG A 91 8.42 -1.31 -12.41
CA ARG A 91 7.72 -2.58 -12.69
C ARG A 91 8.30 -3.72 -11.85
N TYR A 92 8.39 -3.49 -10.54
CA TYR A 92 9.03 -4.44 -9.62
C TYR A 92 8.12 -5.60 -9.24
N TYR A 93 6.82 -5.37 -9.32
CA TYR A 93 5.84 -6.39 -8.98
C TYR A 93 5.55 -7.22 -10.22
N GLU A 94 5.63 -8.52 -10.07
CA GLU A 94 5.24 -9.38 -11.17
C GLU A 94 3.79 -9.81 -11.05
N LYS A 95 3.30 -10.02 -9.83
CA LYS A 95 1.91 -10.38 -9.58
C LYS A 95 1.23 -9.42 -8.60
N LEU A 96 -0.10 -9.41 -8.65
CA LEU A 96 -0.87 -8.45 -7.84
C LEU A 96 -0.78 -8.79 -6.35
N THR A 97 -0.56 -10.04 -6.05
CA THR A 97 -0.42 -10.44 -4.66
C THR A 97 0.75 -9.71 -4.02
N GLU A 98 1.81 -9.48 -4.80
CA GLU A 98 3.00 -8.84 -4.29
C GLU A 98 2.72 -7.40 -3.95
N PHE A 99 1.98 -6.72 -4.84
CA PHE A 99 1.54 -5.35 -4.61
C PHE A 99 0.68 -5.26 -3.36
N VAL A 100 -0.28 -6.18 -3.19
CA VAL A 100 -1.17 -6.14 -2.03
C VAL A 100 -0.40 -6.40 -0.76
N ALA A 101 0.61 -7.26 -0.84
CA ALA A 101 1.40 -7.59 0.34
C ALA A 101 2.19 -6.39 0.84
N ASP A 102 2.82 -5.64 -0.08
CA ASP A 102 3.52 -4.40 0.30
C ASP A 102 2.57 -3.39 0.93
N MET A 103 1.41 -3.18 0.32
CA MET A 103 0.46 -2.23 0.87
C MET A 103 0.06 -2.64 2.27
N THR A 104 -0.16 -3.92 2.47
CA THR A 104 -0.64 -4.38 3.76
C THR A 104 0.41 -4.12 4.86
N LYS A 105 1.70 -4.10 4.48
CA LYS A 105 2.75 -3.78 5.46
C LYS A 105 2.54 -2.43 6.07
N ILE A 106 2.24 -1.44 5.23
CA ILE A 106 2.01 -0.07 5.66
C ILE A 106 1.05 -0.05 6.84
N PHE A 107 -0.08 -0.71 6.70
CA PHE A 107 -1.08 -0.64 7.77
C PHE A 107 -0.75 -1.54 8.95
N ASP A 108 -0.16 -2.72 8.70
CA ASP A 108 0.16 -3.63 9.78
C ASP A 108 1.30 -3.08 10.62
N ASN A 109 2.35 -2.53 9.97
CA ASN A 109 3.45 -1.91 10.71
C ASN A 109 2.93 -0.78 11.59
N CYS A 110 2.04 0.01 11.04
CA CYS A 110 1.53 1.17 11.77
C CYS A 110 0.75 0.75 13.02
N ARG A 111 -0.18 -0.19 12.86
CA ARG A 111 -1.02 -0.57 13.99
C ARG A 111 -0.19 -1.32 15.00
N TYR A 112 0.86 -1.98 14.55
CA TYR A 112 1.73 -2.69 15.48
C TYR A 112 2.56 -1.71 16.30
N TYR A 113 3.25 -0.78 15.64
CA TYR A 113 4.16 0.10 16.34
C TYR A 113 3.45 1.10 17.24
N ASN A 114 2.20 1.52 16.87
CA ASN A 114 1.57 2.66 17.52
C ASN A 114 0.50 2.22 18.51
N PRO A 115 0.35 2.98 19.59
CA PRO A 115 -0.85 2.80 20.41
C PRO A 115 -2.09 3.10 19.60
N SER A 116 -3.19 2.48 20.00
CA SER A 116 -4.44 2.59 19.28
C SER A 116 -5.07 3.99 19.36
N ASP A 117 -4.71 4.78 20.35
CA ASP A 117 -5.17 6.17 20.38
C ASP A 117 -4.35 7.08 19.47
N SER A 118 -3.35 6.53 18.71
CA SER A 118 -2.52 7.36 17.87
C SER A 118 -3.30 7.83 16.65
N PRO A 119 -3.13 9.08 16.22
CA PRO A 119 -3.69 9.47 14.93
C PRO A 119 -3.17 8.64 13.77
N PHE A 120 -1.92 8.12 13.83
CA PHE A 120 -1.44 7.26 12.75
C PHE A 120 -2.25 5.97 12.64
N TYR A 121 -2.60 5.38 13.79
CA TYR A 121 -3.44 4.18 13.86
C TYR A 121 -4.79 4.42 13.21
N GLN A 122 -5.49 5.47 13.63
CA GLN A 122 -6.82 5.71 13.11
C GLN A 122 -6.78 5.88 11.60
N CYS A 123 -5.70 6.49 11.08
CA CYS A 123 -5.57 6.69 9.64
C CYS A 123 -5.34 5.37 8.92
N ALA A 124 -4.61 4.46 9.56
CA ALA A 124 -4.38 3.15 8.96
C ALA A 124 -5.70 2.39 8.83
N GLU A 125 -6.54 2.43 9.86
CA GLU A 125 -7.83 1.74 9.80
C GLU A 125 -8.71 2.28 8.68
N VAL A 126 -8.77 3.60 8.55
CA VAL A 126 -9.59 4.24 7.53
C VAL A 126 -9.04 3.93 6.16
N LEU A 127 -7.76 4.18 5.96
CA LEU A 127 -7.22 4.07 4.63
C LEU A 127 -7.12 2.61 4.20
N GLU A 128 -6.93 1.65 5.12
CA GLU A 128 -6.96 0.25 4.69
C GLU A 128 -8.35 -0.11 4.15
N SER A 129 -9.41 0.31 4.86
CA SER A 129 -10.76 0.04 4.39
C SER A 129 -10.98 0.64 3.01
N PHE A 130 -10.52 1.87 2.82
CA PHE A 130 -10.53 2.49 1.50
C PHE A 130 -9.73 1.70 0.47
N PHE A 131 -8.52 1.26 0.84
CA PHE A 131 -7.75 0.45 -0.10
C PHE A 131 -8.48 -0.83 -0.48
N VAL A 132 -9.10 -1.51 0.48
CA VAL A 132 -9.84 -2.73 0.15
C VAL A 132 -10.86 -2.45 -0.95
N GLN A 133 -11.64 -1.37 -0.80
CA GLN A 133 -12.61 -1.04 -1.85
C GLN A 133 -11.91 -0.86 -3.17
N LYS A 134 -10.89 -0.01 -3.21
CA LYS A 134 -10.23 0.27 -4.48
C LYS A 134 -9.64 -1.01 -5.07
N LEU A 135 -9.30 -1.98 -4.23
CA LEU A 135 -8.70 -3.19 -4.76
C LEU A 135 -9.74 -4.03 -5.47
N LYS A 136 -10.92 -4.18 -4.88
CA LYS A 136 -12.08 -4.76 -5.58
C LYS A 136 -12.34 -4.08 -6.93
N GLY A 137 -12.35 -2.76 -6.96
CA GLY A 137 -12.47 -2.09 -8.24
C GLY A 137 -11.39 -2.52 -9.20
N PHE A 138 -10.18 -2.69 -8.68
CA PHE A 138 -9.08 -3.01 -9.58
C PHE A 138 -9.20 -4.41 -10.13
N LYS A 139 -9.59 -5.37 -9.27
CA LYS A 139 -9.79 -6.75 -9.70
C LYS A 139 -10.95 -6.88 -10.68
N ALA A 140 -12.10 -6.25 -10.36
CA ALA A 140 -13.26 -6.33 -11.26
C ALA A 140 -12.95 -5.74 -12.64
N SER A 141 -12.28 -4.59 -12.67
CA SER A 141 -11.90 -4.00 -13.94
C SER A 141 -10.93 -4.88 -14.70
N ARG A 142 -10.25 -5.79 -14.01
CA ARG A 142 -9.16 -6.53 -14.62
C ARG A 142 -9.69 -7.70 -15.45
N SER A 143 -10.68 -8.42 -14.90
CA SER A 143 -11.38 -9.52 -15.53
C SER A 143 -12.40 -9.05 -16.56
N HIS A 144 -11.99 -8.12 -17.43
CA HIS A 144 -12.77 -7.53 -18.53
C HIS A 144 -11.75 -6.87 -19.45
#